data_1RTY
#
_entry.id   1RTY
#
_cell.length_a   104.350
_cell.length_b   104.350
_cell.length_c   55.985
_cell.angle_alpha   90.00
_cell.angle_beta   90.00
_cell.angle_gamma   90.00
#
_symmetry.space_group_name_H-M   'P 4'
#
loop_
_entity.id
_entity.type
_entity.pdbx_description
1 polymer 'yvqk protein'
2 non-polymer 'PHOSPHATE ION'
3 water water
#
_entity_poly.entity_id   1
_entity_poly.type   'polypeptide(L)'
_entity_poly.pdbx_seq_one_letter_code
;(MSE)KLYTKTGDKGQTGLVGGRTDKDSLRVESYGTIDELNSFIGLALAELSGQPGFEDLTAELLTIQHELFDCGGDLAI
VTERKDYKLTEESVSFLETRIDAYTAEAPELKKFILPGGSKCASLLHIARTITRRAERRVVAL(MSE)KSEEIHETVLRY
LNRLSDYFFAGARVVNARSGIGDVEYERSAIVFRDRNSSES
;
_entity_poly.pdbx_strand_id   A,B,C
#
# COMPACT_ATOMS: atom_id res chain seq x y z
N LYS A 22 23.36 3.05 4.20
CA LYS A 22 24.49 2.38 3.49
C LYS A 22 23.97 1.81 2.17
N ASP A 23 24.26 2.52 1.09
CA ASP A 23 23.81 2.13 -0.24
C ASP A 23 22.29 2.06 -0.36
N SER A 24 21.76 2.90 -1.23
CA SER A 24 20.33 3.00 -1.48
C SER A 24 19.74 1.72 -2.06
N LEU A 25 20.40 1.13 -3.04
CA LEU A 25 19.89 -0.08 -3.69
C LEU A 25 19.62 -1.23 -2.71
N ARG A 26 20.53 -1.43 -1.77
CA ARG A 26 20.39 -2.49 -0.79
C ARG A 26 19.29 -2.11 0.22
N VAL A 27 19.33 -0.88 0.72
CA VAL A 27 18.31 -0.45 1.68
C VAL A 27 16.94 -0.43 1.04
N GLU A 28 16.89 -0.02 -0.23
CA GLU A 28 15.64 0.05 -0.96
C GLU A 28 15.00 -1.33 -1.11
N SER A 29 15.84 -2.36 -1.26
CA SER A 29 15.36 -3.74 -1.41
C SER A 29 14.87 -4.31 -0.10
N TYR A 30 15.63 -4.06 0.96
CA TYR A 30 15.23 -4.54 2.27
C TYR A 30 13.87 -3.92 2.62
N GLY A 31 13.73 -2.63 2.39
CA GLY A 31 12.49 -1.93 2.71
C GLY A 31 11.28 -2.35 1.90
N THR A 32 11.49 -2.64 0.61
CA THR A 32 10.39 -3.05 -0.24
C THR A 32 9.95 -4.46 0.13
N ILE A 33 10.88 -5.23 0.67
CA ILE A 33 10.60 -6.60 1.09
C ILE A 33 9.83 -6.59 2.41
N ASP A 34 10.17 -5.61 3.26
CA ASP A 34 9.50 -5.43 4.54
C ASP A 34 8.09 -4.95 4.21
N GLU A 35 7.99 -4.00 3.27
CA GLU A 35 6.67 -3.51 2.87
C GLU A 35 5.85 -4.70 2.40
N LEU A 36 6.43 -5.54 1.55
CA LEU A 36 5.76 -6.73 1.03
C LEU A 36 5.32 -7.62 2.19
N ASN A 37 6.25 -7.91 3.09
CA ASN A 37 5.96 -8.76 4.22
C ASN A 37 4.73 -8.25 4.98
N SER A 38 4.61 -6.93 5.10
CA SER A 38 3.47 -6.32 5.78
C SER A 38 2.17 -6.67 5.08
N PHE A 39 2.08 -6.39 3.78
CA PHE A 39 0.85 -6.70 3.08
C PHE A 39 0.51 -8.19 3.25
N ILE A 40 1.53 -9.03 3.37
CA ILE A 40 1.28 -10.45 3.58
C ILE A 40 0.64 -10.59 4.96
N GLY A 41 1.12 -9.80 5.92
CA GLY A 41 0.58 -9.83 7.26
C GLY A 41 -0.91 -9.54 7.26
N LEU A 42 -1.31 -8.57 6.45
CA LEU A 42 -2.70 -8.21 6.31
C LEU A 42 -3.49 -9.28 5.60
N ALA A 43 -2.93 -9.87 4.54
CA ALA A 43 -3.65 -10.91 3.82
C ALA A 43 -3.85 -12.11 4.72
N LEU A 44 -2.86 -12.40 5.54
CA LEU A 44 -2.92 -13.52 6.47
C LEU A 44 -3.99 -13.25 7.54
N ALA A 45 -4.02 -12.02 8.04
CA ALA A 45 -5.01 -11.66 9.06
C ALA A 45 -6.40 -11.92 8.49
N GLU A 46 -6.59 -11.50 7.26
CA GLU A 46 -7.86 -11.69 6.57
C GLU A 46 -8.15 -13.18 6.33
N LEU A 47 -7.20 -13.90 5.72
CA LEU A 47 -7.41 -15.32 5.45
C LEU A 47 -7.72 -16.13 6.69
N SER A 48 -7.14 -15.74 7.82
CA SER A 48 -7.36 -16.44 9.07
C SER A 48 -8.80 -16.34 9.57
N GLY A 49 -9.59 -15.50 8.94
CA GLY A 49 -10.97 -15.34 9.36
C GLY A 49 -11.95 -16.31 8.69
N GLN A 50 -11.50 -16.99 7.64
CA GLN A 50 -12.35 -17.94 6.95
C GLN A 50 -11.78 -19.34 6.93
N PRO A 51 -12.65 -20.36 7.01
CA PRO A 51 -12.20 -21.75 7.01
C PRO A 51 -11.84 -22.23 5.60
N GLY A 52 -11.11 -23.34 5.53
CA GLY A 52 -10.74 -23.89 4.24
C GLY A 52 -9.48 -23.29 3.66
N PHE A 53 -8.70 -22.62 4.50
CA PHE A 53 -7.46 -21.99 4.06
C PHE A 53 -6.32 -22.25 5.04
N GLU A 54 -6.40 -23.34 5.77
CA GLU A 54 -5.36 -23.70 6.74
C GLU A 54 -4.01 -23.86 6.07
N ASP A 55 -4.01 -24.44 4.87
CA ASP A 55 -2.76 -24.64 4.14
C ASP A 55 -2.17 -23.29 3.72
N LEU A 56 -2.99 -22.43 3.12
CA LEU A 56 -2.53 -21.11 2.70
C LEU A 56 -2.04 -20.27 3.88
N THR A 57 -2.74 -20.35 5.00
CA THR A 57 -2.40 -19.61 6.22
C THR A 57 -1.02 -19.97 6.75
N ALA A 58 -0.78 -21.25 6.93
CA ALA A 58 0.50 -21.69 7.45
C ALA A 58 1.63 -21.29 6.51
N GLU A 59 1.35 -21.32 5.20
CA GLU A 59 2.35 -20.95 4.20
C GLU A 59 2.72 -19.47 4.28
N LEU A 60 1.73 -18.57 4.27
CA LEU A 60 2.00 -17.14 4.36
C LEU A 60 2.85 -16.85 5.59
N LEU A 61 2.59 -17.57 6.67
CA LEU A 61 3.39 -17.37 7.89
C LEU A 61 4.84 -17.80 7.66
N THR A 62 5.01 -18.89 6.92
CA THR A 62 6.35 -19.39 6.61
C THR A 62 7.01 -18.40 5.65
N ILE A 63 6.24 -17.91 4.71
CA ILE A 63 6.78 -16.96 3.78
C ILE A 63 7.29 -15.72 4.48
N GLN A 64 6.56 -15.28 5.52
CA GLN A 64 6.98 -14.08 6.27
C GLN A 64 8.36 -14.28 6.90
N HIS A 65 8.58 -15.47 7.44
CA HIS A 65 9.86 -15.82 8.03
C HIS A 65 10.94 -15.81 6.95
N GLU A 66 10.64 -16.42 5.81
CA GLU A 66 11.62 -16.49 4.73
C GLU A 66 11.95 -15.13 4.17
N LEU A 67 10.95 -14.25 4.12
CA LEU A 67 11.14 -12.90 3.64
C LEU A 67 12.02 -12.16 4.63
N PHE A 68 11.85 -12.50 5.89
CA PHE A 68 12.65 -11.88 6.94
C PHE A 68 14.09 -12.26 6.61
N ASP A 69 14.29 -13.54 6.32
CA ASP A 69 15.61 -14.07 5.95
C ASP A 69 16.12 -13.39 4.68
N CYS A 70 15.25 -13.21 3.69
CA CYS A 70 15.62 -12.55 2.44
C CYS A 70 16.24 -11.20 2.73
N GLY A 71 15.50 -10.39 3.49
CA GLY A 71 15.96 -9.05 3.84
C GLY A 71 17.33 -9.15 4.48
N GLY A 72 17.42 -9.94 5.55
CA GLY A 72 18.69 -10.11 6.22
C GLY A 72 19.80 -10.52 5.29
N ASP A 73 19.49 -11.43 4.36
CA ASP A 73 20.52 -11.89 3.43
C ASP A 73 21.04 -10.77 2.54
N LEU A 74 20.17 -9.81 2.23
CA LEU A 74 20.59 -8.69 1.40
C LEU A 74 21.26 -7.65 2.27
N ALA A 75 20.85 -7.58 3.53
CA ALA A 75 21.43 -6.61 4.46
C ALA A 75 22.90 -6.96 4.71
N ILE A 76 23.23 -8.24 4.64
CA ILE A 76 24.59 -8.69 4.86
C ILE A 76 25.55 -8.05 3.86
N VAL A 77 26.70 -7.58 4.36
CA VAL A 77 27.74 -6.96 3.54
C VAL A 77 29.10 -7.30 4.12
N THR A 78 29.20 -8.49 4.72
CA THR A 78 30.43 -8.98 5.34
C THR A 78 30.83 -10.35 4.80
N ASP A 82 27.24 -16.46 6.94
CA ASP A 82 26.61 -17.12 5.82
C ASP A 82 25.15 -16.65 5.71
N TYR A 83 24.51 -17.00 4.59
CA TYR A 83 23.13 -16.61 4.34
C TYR A 83 22.11 -17.53 5.00
N LYS A 84 20.88 -17.06 5.17
CA LYS A 84 19.82 -17.85 5.81
C LYS A 84 18.89 -18.52 4.80
N LEU A 85 18.46 -17.77 3.77
CA LEU A 85 17.55 -18.33 2.79
C LEU A 85 18.16 -19.57 2.16
N THR A 86 17.32 -20.56 1.90
CA THR A 86 17.75 -21.85 1.34
C THR A 86 17.04 -22.08 0.00
N GLU A 87 17.64 -22.87 -0.87
CA GLU A 87 17.06 -23.18 -2.17
C GLU A 87 15.77 -23.98 -2.02
N GLU A 88 15.63 -24.69 -0.90
CA GLU A 88 14.42 -25.48 -0.65
C GLU A 88 13.15 -24.61 -0.60
N SER A 89 13.25 -23.40 -0.04
CA SER A 89 12.11 -22.48 0.03
C SER A 89 11.63 -22.16 -1.38
N VAL A 90 12.56 -22.03 -2.32
CA VAL A 90 12.21 -21.74 -3.71
C VAL A 90 11.48 -22.94 -4.32
N SER A 91 11.89 -24.13 -3.91
CA SER A 91 11.29 -25.37 -4.41
C SER A 91 9.89 -25.52 -3.84
N PHE A 92 9.77 -25.32 -2.52
CA PHE A 92 8.47 -25.42 -1.86
C PHE A 92 7.44 -24.59 -2.59
N LEU A 93 7.80 -23.37 -2.93
CA LEU A 93 6.88 -22.48 -3.64
C LEU A 93 6.34 -23.11 -4.89
N GLU A 94 7.25 -23.52 -5.76
CA GLU A 94 6.89 -24.13 -7.04
C GLU A 94 5.90 -25.27 -6.88
N THR A 95 6.17 -26.13 -5.90
CA THR A 95 5.29 -27.25 -5.61
C THR A 95 3.90 -26.73 -5.33
N ARG A 96 3.80 -25.79 -4.40
CA ARG A 96 2.51 -25.22 -4.02
C ARG A 96 1.87 -24.47 -5.18
N ILE A 97 2.71 -23.89 -6.02
CA ILE A 97 2.21 -23.20 -7.19
C ILE A 97 1.51 -24.22 -8.08
N ASP A 98 2.09 -25.41 -8.22
CA ASP A 98 1.45 -26.41 -9.05
C ASP A 98 0.19 -26.94 -8.38
N ALA A 99 0.32 -27.38 -7.14
CA ALA A 99 -0.81 -27.90 -6.39
C ALA A 99 -2.00 -26.96 -6.54
N TYR A 100 -1.76 -25.66 -6.40
CA TYR A 100 -2.82 -24.66 -6.51
C TYR A 100 -3.26 -24.43 -7.94
N THR A 101 -2.31 -24.36 -8.87
CA THR A 101 -2.66 -24.15 -10.28
C THR A 101 -3.56 -25.28 -10.76
N ALA A 102 -3.27 -26.49 -10.29
CA ALA A 102 -4.06 -27.65 -10.67
C ALA A 102 -5.45 -27.59 -10.03
N GLU A 103 -5.50 -27.40 -8.71
CA GLU A 103 -6.76 -27.33 -7.96
C GLU A 103 -7.73 -26.31 -8.54
N ALA A 104 -7.18 -25.20 -9.03
CA ALA A 104 -7.97 -24.14 -9.61
C ALA A 104 -8.32 -24.54 -11.03
N PRO A 105 -9.45 -24.04 -11.53
CA PRO A 105 -9.87 -24.38 -12.90
C PRO A 105 -8.90 -23.80 -13.93
N GLU A 106 -8.44 -24.64 -14.85
CA GLU A 106 -7.53 -24.19 -15.89
C GLU A 106 -8.06 -22.91 -16.53
N LEU A 107 -7.20 -21.90 -16.61
CA LEU A 107 -7.59 -20.62 -17.20
C LEU A 107 -7.27 -20.63 -18.69
N LYS A 108 -8.07 -19.90 -19.46
CA LYS A 108 -7.87 -19.81 -20.90
C LYS A 108 -7.86 -18.35 -21.34
N LYS A 109 -7.70 -17.45 -20.38
CA LYS A 109 -7.67 -16.01 -20.66
C LYS A 109 -6.98 -15.26 -19.52
N PHE A 110 -6.54 -14.03 -19.81
CA PHE A 110 -5.87 -13.20 -18.81
C PHE A 110 -6.84 -12.80 -17.70
N ILE A 111 -6.36 -12.94 -16.46
CA ILE A 111 -7.19 -12.62 -15.30
C ILE A 111 -6.79 -11.27 -14.70
N LEU A 112 -7.78 -10.55 -14.16
CA LEU A 112 -7.54 -9.25 -13.56
C LEU A 112 -7.54 -9.39 -12.05
N PRO A 113 -6.74 -8.59 -11.35
CA PRO A 113 -6.67 -8.63 -9.88
C PRO A 113 -8.00 -8.34 -9.20
N GLY A 114 -8.41 -9.23 -8.30
CA GLY A 114 -9.68 -9.03 -7.61
C GLY A 114 -10.40 -10.31 -7.22
N GLY A 115 -11.71 -10.22 -7.01
CA GLY A 115 -12.49 -11.37 -6.62
C GLY A 115 -12.87 -11.16 -5.17
N SER A 116 -12.64 -12.16 -4.33
CA SER A 116 -12.96 -12.02 -2.92
C SER A 116 -11.96 -11.05 -2.31
N LYS A 117 -12.23 -10.62 -1.09
CA LYS A 117 -11.30 -9.71 -0.44
C LYS A 117 -9.96 -10.38 -0.22
N CYS A 118 -9.98 -11.65 0.17
CA CYS A 118 -8.76 -12.39 0.41
C CYS A 118 -7.92 -12.44 -0.87
N ALA A 119 -8.54 -12.88 -1.96
CA ALA A 119 -7.86 -12.98 -3.25
C ALA A 119 -7.33 -11.63 -3.72
N SER A 120 -8.02 -10.56 -3.36
CA SER A 120 -7.58 -9.23 -3.77
C SER A 120 -6.29 -8.86 -3.03
N LEU A 121 -6.20 -9.28 -1.78
CA LEU A 121 -5.02 -8.99 -0.97
C LEU A 121 -3.83 -9.82 -1.45
N LEU A 122 -4.09 -11.08 -1.79
CA LEU A 122 -3.01 -11.95 -2.26
C LEU A 122 -2.46 -11.42 -3.58
N HIS A 123 -3.33 -10.80 -4.38
CA HIS A 123 -2.94 -10.23 -5.67
C HIS A 123 -2.09 -8.99 -5.45
N ILE A 124 -2.42 -8.24 -4.41
CA ILE A 124 -1.67 -7.05 -4.07
C ILE A 124 -0.28 -7.56 -3.68
N ALA A 125 -0.25 -8.61 -2.87
CA ALA A 125 1.01 -9.21 -2.44
C ALA A 125 1.84 -9.59 -3.67
N ARG A 126 1.16 -10.06 -4.70
CA ARG A 126 1.81 -10.43 -5.95
C ARG A 126 2.51 -9.23 -6.60
N THR A 127 1.80 -8.12 -6.75
CA THR A 127 2.42 -6.95 -7.39
C THR A 127 3.53 -6.35 -6.56
N ILE A 128 3.38 -6.32 -5.24
CA ILE A 128 4.41 -5.77 -4.39
C ILE A 128 5.59 -6.73 -4.46
N THR A 129 5.32 -8.03 -4.58
CA THR A 129 6.43 -9.00 -4.70
C THR A 129 7.21 -8.66 -5.97
N ARG A 130 6.50 -8.37 -7.05
CA ARG A 130 7.14 -8.03 -8.32
C ARG A 130 8.00 -6.79 -8.16
N ARG A 131 7.50 -5.86 -7.35
CA ARG A 131 8.20 -4.61 -7.07
C ARG A 131 9.48 -4.95 -6.32
N ALA A 132 9.37 -5.80 -5.30
CA ALA A 132 10.53 -6.19 -4.51
C ALA A 132 11.54 -6.87 -5.43
N GLU A 133 11.04 -7.63 -6.39
CA GLU A 133 11.93 -8.33 -7.31
C GLU A 133 12.72 -7.32 -8.12
N ARG A 134 12.03 -6.34 -8.71
CA ARG A 134 12.69 -5.32 -9.52
C ARG A 134 13.80 -4.62 -8.75
N ARG A 135 13.57 -4.35 -7.47
CA ARG A 135 14.54 -3.68 -6.62
C ARG A 135 15.72 -4.60 -6.40
N VAL A 136 15.46 -5.88 -6.15
CA VAL A 136 16.56 -6.80 -5.95
C VAL A 136 17.35 -6.94 -7.26
N VAL A 137 16.64 -7.01 -8.39
CA VAL A 137 17.29 -7.09 -9.68
C VAL A 137 18.28 -5.92 -9.85
N ALA A 138 17.78 -4.71 -9.62
CA ALA A 138 18.62 -3.52 -9.73
C ALA A 138 19.77 -3.59 -8.73
N LEU A 139 19.53 -4.23 -7.58
CA LEU A 139 20.59 -4.35 -6.60
C LEU A 139 21.70 -5.23 -7.17
N LYS A 141 22.59 -5.94 -10.12
CA LYS A 141 23.37 -5.28 -11.15
C LYS A 141 24.51 -4.45 -10.57
N SER A 142 24.33 -3.90 -9.38
CA SER A 142 25.37 -3.08 -8.78
C SER A 142 26.33 -3.88 -7.93
N GLU A 143 25.86 -5.01 -7.40
CA GLU A 143 26.73 -5.84 -6.58
C GLU A 143 26.20 -7.24 -6.36
N GLU A 144 27.07 -8.09 -5.84
CA GLU A 144 26.76 -9.48 -5.55
C GLU A 144 25.72 -9.62 -4.44
N ILE A 145 24.79 -10.55 -4.63
CA ILE A 145 23.76 -10.80 -3.64
C ILE A 145 23.49 -12.28 -3.58
N HIS A 146 22.81 -12.70 -2.51
CA HIS A 146 22.41 -14.10 -2.35
C HIS A 146 21.33 -14.29 -3.40
N GLU A 147 21.72 -14.81 -4.56
CA GLU A 147 20.79 -15.02 -5.67
C GLU A 147 19.54 -15.84 -5.37
N THR A 148 19.62 -16.71 -4.36
CA THR A 148 18.47 -17.50 -3.98
C THR A 148 17.29 -16.58 -3.65
N VAL A 149 17.61 -15.40 -3.11
CA VAL A 149 16.61 -14.40 -2.76
C VAL A 149 15.90 -13.89 -4.02
N LEU A 150 16.67 -13.64 -5.09
CA LEU A 150 16.04 -13.14 -6.31
C LEU A 150 15.12 -14.18 -6.95
N ARG A 151 15.44 -15.46 -6.76
CA ARG A 151 14.63 -16.52 -7.32
C ARG A 151 13.38 -16.71 -6.46
N TYR A 152 13.59 -16.73 -5.14
CA TYR A 152 12.48 -16.85 -4.20
C TYR A 152 11.41 -15.81 -4.56
N LEU A 153 11.81 -14.55 -4.68
CA LEU A 153 10.85 -13.52 -5.01
C LEU A 153 10.19 -13.76 -6.34
N ASN A 154 10.95 -14.27 -7.32
CA ASN A 154 10.41 -14.53 -8.65
C ASN A 154 9.30 -15.56 -8.64
N ARG A 155 9.42 -16.57 -7.78
CA ARG A 155 8.40 -17.60 -7.66
C ARG A 155 7.24 -17.11 -6.80
N LEU A 156 7.57 -16.39 -5.73
CA LEU A 156 6.57 -15.87 -4.81
C LEU A 156 5.44 -15.17 -5.54
N SER A 157 5.76 -14.30 -6.49
CA SER A 157 4.69 -13.60 -7.21
C SER A 157 3.76 -14.59 -7.91
N ASP A 158 4.31 -15.71 -8.37
CA ASP A 158 3.51 -16.74 -9.03
C ASP A 158 2.67 -17.48 -8.00
N TYR A 159 3.29 -17.75 -6.86
CA TYR A 159 2.59 -18.41 -5.78
C TYR A 159 1.34 -17.58 -5.42
N PHE A 160 1.49 -16.27 -5.28
CA PHE A 160 0.34 -15.45 -4.93
C PHE A 160 -0.70 -15.44 -6.03
N PHE A 161 -0.26 -15.52 -7.27
CA PHE A 161 -1.19 -15.55 -8.40
C PHE A 161 -2.05 -16.83 -8.28
N ALA A 162 -1.38 -17.93 -7.96
CA ALA A 162 -2.01 -19.24 -7.81
C ALA A 162 -2.82 -19.32 -6.53
N GLY A 163 -2.35 -18.62 -5.50
CA GLY A 163 -3.04 -18.61 -4.23
C GLY A 163 -4.27 -17.74 -4.36
N ALA A 164 -4.17 -16.67 -5.14
CA ALA A 164 -5.29 -15.75 -5.33
C ALA A 164 -6.43 -16.42 -6.10
N ARG A 165 -6.06 -17.30 -7.03
CA ARG A 165 -7.06 -18.01 -7.84
C ARG A 165 -7.76 -19.07 -7.00
N VAL A 166 -6.99 -19.86 -6.26
CA VAL A 166 -7.53 -20.90 -5.40
C VAL A 166 -8.55 -20.31 -4.43
N VAL A 167 -8.16 -19.23 -3.75
CA VAL A 167 -9.04 -18.57 -2.79
C VAL A 167 -10.39 -18.25 -3.40
N ASN A 168 -10.41 -17.71 -4.60
CA ASN A 168 -11.68 -17.42 -5.24
C ASN A 168 -12.39 -18.71 -5.54
N ALA A 169 -11.65 -19.69 -6.05
CA ALA A 169 -12.24 -20.98 -6.38
C ALA A 169 -12.89 -21.55 -5.11
N ARG A 170 -12.08 -21.68 -4.06
CA ARG A 170 -12.56 -22.21 -2.80
C ARG A 170 -13.81 -21.47 -2.31
N SER A 171 -13.76 -20.14 -2.32
CA SER A 171 -14.91 -19.37 -1.87
C SER A 171 -15.99 -19.32 -2.93
N GLY A 172 -15.89 -20.20 -3.93
CA GLY A 172 -16.87 -20.24 -4.99
C GLY A 172 -17.13 -18.90 -5.62
N ILE A 173 -16.16 -17.99 -5.53
CA ILE A 173 -16.32 -16.65 -6.08
C ILE A 173 -16.12 -16.63 -7.59
N GLY A 174 -14.88 -16.87 -8.03
CA GLY A 174 -14.61 -16.84 -9.45
C GLY A 174 -13.65 -15.71 -9.79
N ASP A 175 -12.66 -16.03 -10.62
CA ASP A 175 -11.65 -15.06 -11.05
C ASP A 175 -12.24 -14.03 -12.00
N VAL A 176 -11.89 -12.76 -11.79
CA VAL A 176 -12.38 -11.69 -12.65
C VAL A 176 -11.59 -11.72 -13.96
N GLU A 177 -12.27 -12.06 -15.05
CA GLU A 177 -11.64 -12.15 -16.37
C GLU A 177 -11.69 -10.82 -17.12
N TYR A 178 -10.99 -10.77 -18.24
CA TYR A 178 -10.97 -9.56 -19.05
C TYR A 178 -12.16 -9.59 -20.03
N GLU A 179 -13.32 -9.14 -19.56
CA GLU A 179 -14.53 -9.11 -20.38
C GLU A 179 -14.85 -7.71 -20.89
N ARG A 180 -14.69 -7.54 -22.21
CA ARG A 180 -14.93 -6.28 -22.92
C ARG A 180 -15.75 -5.24 -22.16
N SER A 181 -17.00 -5.05 -22.61
CA SER A 181 -17.91 -4.08 -22.01
C SER A 181 -17.22 -2.79 -21.55
N ALA A 182 -16.81 -1.98 -22.51
CA ALA A 182 -16.13 -0.71 -22.23
C ALA A 182 -16.91 0.48 -22.76
N LYS B 2 11.94 -4.47 15.26
CA LYS B 2 12.14 -3.81 16.54
C LYS B 2 12.07 -2.30 16.38
N LEU B 3 12.38 -1.58 17.46
CA LEU B 3 12.38 -0.13 17.41
C LEU B 3 13.76 0.30 16.98
N TYR B 4 13.83 1.08 15.91
CA TYR B 4 15.11 1.54 15.41
C TYR B 4 15.42 2.93 15.98
N THR B 5 14.64 3.31 17.00
CA THR B 5 14.79 4.58 17.69
C THR B 5 14.55 5.76 16.73
N ASP B 23 12.20 19.74 -8.83
CA ASP B 23 12.85 18.48 -9.18
C ASP B 23 11.86 17.32 -9.00
N SER B 24 12.18 16.17 -9.60
CA SER B 24 11.34 14.97 -9.49
C SER B 24 11.44 14.37 -8.10
N LEU B 25 12.58 14.56 -7.45
CA LEU B 25 12.81 14.04 -6.13
C LEU B 25 11.80 14.68 -5.17
N ARG B 26 11.46 15.93 -5.45
CA ARG B 26 10.50 16.66 -4.64
C ARG B 26 9.11 16.08 -4.83
N VAL B 27 8.66 15.99 -6.07
CA VAL B 27 7.33 15.45 -6.36
C VAL B 27 7.23 13.99 -5.94
N GLU B 28 8.36 13.30 -5.90
CA GLU B 28 8.34 11.89 -5.51
C GLU B 28 8.15 11.80 -3.99
N SER B 29 8.75 12.74 -3.25
CA SER B 29 8.63 12.79 -1.80
C SER B 29 7.21 13.14 -1.42
N TYR B 30 6.68 14.16 -2.08
CA TYR B 30 5.32 14.61 -1.81
C TYR B 30 4.35 13.48 -2.11
N GLY B 31 4.59 12.81 -3.24
CA GLY B 31 3.75 11.71 -3.65
C GLY B 31 3.72 10.52 -2.72
N THR B 32 4.89 10.13 -2.23
CA THR B 32 4.97 8.96 -1.34
C THR B 32 4.38 9.28 0.02
N ILE B 33 4.57 10.51 0.46
CA ILE B 33 4.01 10.97 1.72
C ILE B 33 2.48 10.95 1.58
N ASP B 34 2.00 11.33 0.40
CA ASP B 34 0.55 11.34 0.12
C ASP B 34 0.03 9.91 0.23
N GLU B 35 0.75 8.99 -0.41
CA GLU B 35 0.40 7.58 -0.41
C GLU B 35 0.39 7.07 1.02
N LEU B 36 1.43 7.42 1.75
CA LEU B 36 1.53 6.99 3.13
C LEU B 36 0.35 7.51 3.94
N ASN B 37 -0.08 8.73 3.64
CA ASN B 37 -1.20 9.34 4.35
C ASN B 37 -2.48 8.57 4.05
N SER B 38 -2.63 8.11 2.82
CA SER B 38 -3.81 7.34 2.44
C SER B 38 -3.92 6.01 3.19
N PHE B 39 -2.78 5.35 3.44
CA PHE B 39 -2.84 4.08 4.16
C PHE B 39 -3.10 4.31 5.65
N ILE B 40 -2.78 5.51 6.13
CA ILE B 40 -3.04 5.83 7.52
C ILE B 40 -4.54 6.06 7.62
N GLY B 41 -5.13 6.56 6.54
CA GLY B 41 -6.57 6.79 6.52
C GLY B 41 -7.34 5.49 6.66
N LEU B 42 -6.88 4.46 5.96
CA LEU B 42 -7.51 3.15 5.98
C LEU B 42 -7.35 2.53 7.36
N ALA B 43 -6.20 2.78 7.97
CA ALA B 43 -5.94 2.24 9.29
C ALA B 43 -6.82 2.97 10.30
N LEU B 44 -7.15 4.22 9.99
CA LEU B 44 -7.98 5.00 10.87
C LEU B 44 -9.41 4.48 10.76
N ALA B 45 -9.87 4.28 9.53
CA ALA B 45 -11.23 3.78 9.29
C ALA B 45 -11.44 2.40 9.92
N GLU B 46 -10.40 1.57 9.89
CA GLU B 46 -10.50 0.22 10.47
C GLU B 46 -10.48 0.30 12.00
N LEU B 47 -9.59 1.12 12.54
CA LEU B 47 -9.48 1.27 13.98
C LEU B 47 -10.70 1.94 14.59
N SER B 48 -11.41 2.72 13.79
CA SER B 48 -12.60 3.43 14.26
C SER B 48 -13.74 2.48 14.60
N GLY B 49 -13.93 1.47 13.76
CA GLY B 49 -15.00 0.52 14.01
C GLY B 49 -14.76 -0.28 15.28
N GLN B 50 -13.66 0.01 15.95
CA GLN B 50 -13.30 -0.69 17.18
C GLN B 50 -13.12 0.30 18.33
N PRO B 51 -13.82 0.08 19.46
CA PRO B 51 -13.71 0.96 20.63
C PRO B 51 -12.47 0.62 21.46
N GLY B 52 -11.97 1.60 22.21
CA GLY B 52 -10.79 1.36 23.03
C GLY B 52 -9.52 1.89 22.37
N PHE B 53 -9.67 2.54 21.22
CA PHE B 53 -8.53 3.11 20.51
C PHE B 53 -8.82 4.58 20.23
N GLU B 54 -9.40 5.27 21.21
CA GLU B 54 -9.74 6.67 21.04
C GLU B 54 -8.50 7.55 20.90
N ASP B 55 -7.54 7.42 21.80
CA ASP B 55 -6.34 8.24 21.70
C ASP B 55 -5.64 7.95 20.37
N LEU B 56 -5.43 6.67 20.08
CA LEU B 56 -4.75 6.27 18.84
C LEU B 56 -5.37 6.88 17.60
N THR B 57 -6.68 6.78 17.47
CA THR B 57 -7.34 7.34 16.30
C THR B 57 -7.17 8.85 16.23
N ALA B 58 -7.07 9.48 17.39
CA ALA B 58 -6.89 10.93 17.48
C ALA B 58 -5.47 11.23 17.06
N GLU B 59 -4.55 10.43 17.60
CA GLU B 59 -3.13 10.58 17.26
C GLU B 59 -2.98 10.36 15.76
N LEU B 60 -3.61 9.33 15.21
CA LEU B 60 -3.51 9.07 13.78
C LEU B 60 -3.94 10.27 12.94
N LEU B 61 -5.08 10.85 13.30
CA LEU B 61 -5.60 12.01 12.57
C LEU B 61 -4.60 13.15 12.66
N THR B 62 -3.94 13.23 13.79
CA THR B 62 -2.97 14.28 13.99
C THR B 62 -1.77 14.08 13.05
N ILE B 63 -1.44 12.81 12.81
CA ILE B 63 -0.35 12.44 11.91
C ILE B 63 -0.70 12.86 10.49
N GLN B 64 -1.94 12.62 10.07
CA GLN B 64 -2.35 13.00 8.72
C GLN B 64 -2.24 14.49 8.45
N HIS B 65 -2.54 15.30 9.46
CA HIS B 65 -2.45 16.74 9.30
C HIS B 65 -0.97 17.08 9.26
N GLU B 66 -0.21 16.48 10.16
CA GLU B 66 1.22 16.71 10.21
C GLU B 66 1.90 16.27 8.90
N LEU B 67 1.50 15.12 8.35
CA LEU B 67 2.07 14.64 7.09
C LEU B 67 1.67 15.57 5.97
N PHE B 68 0.45 16.09 6.07
CA PHE B 68 -0.08 17.03 5.07
C PHE B 68 0.89 18.22 5.07
N ASP B 69 1.35 18.58 6.26
CA ASP B 69 2.27 19.69 6.42
C ASP B 69 3.64 19.37 5.84
N CYS B 70 4.12 18.14 6.05
CA CYS B 70 5.41 17.71 5.52
C CYS B 70 5.44 17.88 4.01
N GLY B 71 4.35 17.48 3.35
CA GLY B 71 4.27 17.61 1.91
C GLY B 71 4.49 19.07 1.53
N GLY B 72 3.71 19.94 2.15
CA GLY B 72 3.81 21.37 1.88
C GLY B 72 5.22 21.87 2.12
N ASP B 73 5.79 21.51 3.25
CA ASP B 73 7.14 21.93 3.56
C ASP B 73 8.15 21.47 2.49
N LEU B 74 7.95 20.29 1.92
CA LEU B 74 8.88 19.78 0.91
C LEU B 74 8.65 20.29 -0.51
N ALA B 75 7.41 20.56 -0.85
CA ALA B 75 7.08 21.03 -2.19
C ALA B 75 6.50 22.44 -2.19
N ILE B 76 5.18 22.52 -2.02
CA ILE B 76 4.43 23.79 -2.00
C ILE B 76 5.22 24.94 -1.37
N VAL B 77 5.44 24.86 -0.06
CA VAL B 77 6.17 25.88 0.67
C VAL B 77 7.50 26.17 0.00
N THR B 78 7.86 27.44 -0.08
CA THR B 78 9.12 27.84 -0.69
C THR B 78 9.79 28.94 0.13
N GLU B 79 9.54 28.92 1.44
CA GLU B 79 10.09 29.88 2.39
C GLU B 79 10.16 29.21 3.77
N ARG B 80 11.36 29.12 4.33
CA ARG B 80 11.51 28.49 5.64
C ARG B 80 10.59 29.16 6.67
N LYS B 81 10.45 30.47 6.56
CA LYS B 81 9.59 31.21 7.49
C LYS B 81 8.17 30.65 7.44
N ASP B 82 7.82 29.98 6.34
CA ASP B 82 6.49 29.42 6.18
C ASP B 82 6.36 27.93 6.51
N TYR B 83 7.46 27.29 6.90
CA TYR B 83 7.39 25.87 7.23
C TYR B 83 6.39 25.63 8.34
N LYS B 84 5.43 24.74 8.09
CA LYS B 84 4.39 24.45 9.06
C LYS B 84 4.74 23.38 10.11
N LEU B 85 5.38 22.29 9.68
CA LEU B 85 5.72 21.23 10.62
C LEU B 85 6.62 21.76 11.71
N THR B 86 6.31 21.40 12.95
CA THR B 86 7.06 21.85 14.12
C THR B 86 7.87 20.75 14.73
N GLU B 87 8.83 21.15 15.54
CA GLU B 87 9.69 20.20 16.22
C GLU B 87 8.93 19.42 17.31
N GLU B 88 7.89 20.02 17.88
CA GLU B 88 7.10 19.36 18.93
C GLU B 88 6.38 18.11 18.42
N SER B 89 6.06 18.11 17.13
CA SER B 89 5.40 16.98 16.51
C SER B 89 6.34 15.77 16.55
N VAL B 90 7.63 16.02 16.40
CA VAL B 90 8.59 14.93 16.44
C VAL B 90 8.71 14.39 17.85
N SER B 91 8.73 15.30 18.83
CA SER B 91 8.82 14.95 20.24
C SER B 91 7.60 14.15 20.67
N PHE B 92 6.44 14.55 20.18
CA PHE B 92 5.19 13.86 20.51
C PHE B 92 5.29 12.43 20.05
N LEU B 93 5.75 12.24 18.82
CA LEU B 93 5.90 10.91 18.25
C LEU B 93 6.82 10.12 19.16
N GLU B 94 7.90 10.75 19.61
CA GLU B 94 8.88 10.11 20.48
C GLU B 94 8.31 9.67 21.83
N THR B 95 7.48 10.51 22.43
CA THR B 95 6.89 10.17 23.73
C THR B 95 5.85 9.05 23.61
N ARG B 96 5.16 8.99 22.48
CA ARG B 96 4.18 7.93 22.29
C ARG B 96 4.91 6.60 22.13
N ILE B 97 6.00 6.60 21.36
CA ILE B 97 6.77 5.38 21.19
C ILE B 97 7.10 4.80 22.56
N ASP B 98 7.72 5.59 23.43
CA ASP B 98 8.07 5.08 24.76
C ASP B 98 6.83 4.68 25.55
N ALA B 99 5.75 5.46 25.44
CA ALA B 99 4.53 5.15 26.17
C ALA B 99 3.90 3.84 25.70
N TYR B 100 3.77 3.69 24.39
CA TYR B 100 3.18 2.47 23.82
C TYR B 100 4.09 1.26 24.07
N THR B 101 5.39 1.50 24.14
CA THR B 101 6.32 0.44 24.39
C THR B 101 6.14 -0.01 25.84
N ALA B 102 6.04 0.96 26.76
CA ALA B 102 5.84 0.64 28.17
C ALA B 102 4.57 -0.17 28.29
N GLU B 103 3.54 0.25 27.56
CA GLU B 103 2.29 -0.45 27.64
C GLU B 103 2.43 -1.90 27.20
N ALA B 104 2.72 -2.07 25.91
CA ALA B 104 2.87 -3.40 25.32
C ALA B 104 3.74 -4.27 26.19
N PRO B 105 3.52 -5.59 26.15
CA PRO B 105 4.39 -6.43 26.97
C PRO B 105 5.79 -6.35 26.39
N GLU B 106 6.78 -6.41 27.27
CA GLU B 106 8.16 -6.33 26.84
C GLU B 106 8.41 -7.44 25.83
N LEU B 107 9.03 -7.08 24.70
CA LEU B 107 9.31 -8.05 23.66
C LEU B 107 10.75 -8.49 23.70
N LYS B 108 10.92 -9.81 23.75
CA LYS B 108 12.24 -10.40 23.78
C LYS B 108 12.45 -11.18 22.50
N LYS B 109 11.62 -10.90 21.50
CA LYS B 109 11.73 -11.57 20.21
C LYS B 109 11.57 -10.57 19.07
N PHE B 110 11.96 -10.97 17.86
CA PHE B 110 11.84 -10.11 16.67
C PHE B 110 10.43 -10.25 16.15
N ILE B 111 9.90 -9.16 15.63
CA ILE B 111 8.53 -9.15 15.14
C ILE B 111 8.39 -9.25 13.62
N LEU B 112 7.30 -9.88 13.20
CA LEU B 112 6.94 -10.00 11.80
C LEU B 112 5.65 -9.19 11.63
N PRO B 113 5.49 -8.51 10.48
CA PRO B 113 4.29 -7.69 10.23
C PRO B 113 2.97 -8.45 10.27
N GLY B 114 2.11 -8.11 11.23
CA GLY B 114 0.82 -8.78 11.28
C GLY B 114 0.14 -8.81 12.62
N GLY B 115 -0.74 -9.78 12.79
CA GLY B 115 -1.48 -9.92 14.03
C GLY B 115 -2.91 -9.54 13.69
N SER B 116 -3.50 -8.64 14.44
CA SER B 116 -4.86 -8.22 14.15
C SER B 116 -4.85 -7.43 12.86
N LYS B 117 -6.00 -7.37 12.22
CA LYS B 117 -6.14 -6.63 10.98
C LYS B 117 -5.61 -5.19 11.16
N CYS B 118 -6.03 -4.50 12.24
CA CYS B 118 -5.59 -3.12 12.53
C CYS B 118 -4.08 -2.98 12.73
N ALA B 119 -3.50 -3.96 13.40
CA ALA B 119 -2.07 -3.96 13.64
C ALA B 119 -1.36 -4.12 12.30
N SER B 120 -1.95 -4.92 11.40
CA SER B 120 -1.36 -5.16 10.08
C SER B 120 -1.35 -3.89 9.26
N LEU B 121 -2.47 -3.17 9.27
CA LEU B 121 -2.54 -1.92 8.54
C LEU B 121 -1.53 -0.94 9.10
N LEU B 122 -1.32 -0.97 10.41
CA LEU B 122 -0.37 -0.05 11.02
C LEU B 122 1.08 -0.38 10.65
N HIS B 123 1.37 -1.67 10.43
CA HIS B 123 2.71 -2.11 10.02
C HIS B 123 2.91 -1.71 8.57
N ILE B 124 1.84 -1.79 7.79
CA ILE B 124 1.91 -1.38 6.40
C ILE B 124 2.30 0.09 6.37
N ALA B 125 1.67 0.87 7.25
CA ALA B 125 1.94 2.29 7.31
C ALA B 125 3.37 2.48 7.80
N ARG B 126 3.83 1.55 8.62
CA ARG B 126 5.21 1.63 9.10
C ARG B 126 6.18 1.50 7.91
N THR B 127 5.96 0.52 7.04
CA THR B 127 6.87 0.35 5.91
C THR B 127 6.72 1.46 4.87
N ILE B 128 5.51 1.96 4.67
CA ILE B 128 5.37 3.03 3.71
C ILE B 128 5.99 4.30 4.27
N THR B 129 6.01 4.41 5.59
CA THR B 129 6.63 5.59 6.20
C THR B 129 8.12 5.49 5.91
N ARG B 130 8.70 4.31 6.11
CA ARG B 130 10.11 4.12 5.83
C ARG B 130 10.39 4.37 4.35
N ARG B 131 9.44 4.07 3.48
CA ARG B 131 9.64 4.34 2.07
C ARG B 131 9.66 5.87 1.86
N ALA B 132 8.71 6.58 2.46
CA ALA B 132 8.65 8.04 2.36
C ALA B 132 9.96 8.63 2.84
N GLU B 133 10.51 8.07 3.93
CA GLU B 133 11.77 8.55 4.48
C GLU B 133 12.93 8.34 3.49
N ARG B 134 12.91 7.22 2.78
CA ARG B 134 13.94 6.92 1.80
C ARG B 134 13.89 7.99 0.72
N ARG B 135 12.67 8.30 0.27
CA ARG B 135 12.49 9.32 -0.75
C ARG B 135 12.92 10.69 -0.23
N VAL B 136 12.71 10.98 1.04
CA VAL B 136 13.12 12.30 1.57
C VAL B 136 14.63 12.39 1.69
N VAL B 137 15.25 11.28 2.04
CA VAL B 137 16.68 11.23 2.17
C VAL B 137 17.32 11.53 0.80
N ALA B 138 16.65 11.11 -0.26
CA ALA B 138 17.16 11.35 -1.61
C ALA B 138 16.97 12.83 -1.97
N LEU B 139 15.89 13.42 -1.51
CA LEU B 139 15.61 14.83 -1.77
C LEU B 139 16.61 15.73 -1.03
N LYS B 141 19.56 14.99 -0.24
CA LYS B 141 20.91 14.85 -0.77
C LYS B 141 21.15 15.79 -1.96
N SER B 142 20.09 16.13 -2.69
CA SER B 142 20.25 17.02 -3.83
C SER B 142 19.91 18.48 -3.52
N GLU B 143 19.29 18.75 -2.37
CA GLU B 143 18.93 20.11 -2.01
C GLU B 143 18.51 20.26 -0.55
N GLU B 144 18.42 21.50 -0.08
CA GLU B 144 18.03 21.76 1.29
C GLU B 144 16.54 21.64 1.47
N ILE B 145 16.13 21.01 2.56
CA ILE B 145 14.73 20.81 2.89
C ILE B 145 14.51 21.16 4.33
N HIS B 146 13.27 21.00 4.78
CA HIS B 146 12.93 21.25 6.16
C HIS B 146 13.26 19.96 6.92
N GLU B 147 14.52 19.85 7.36
CA GLU B 147 15.02 18.68 8.07
C GLU B 147 14.10 18.11 9.15
N THR B 148 13.18 18.92 9.64
CA THR B 148 12.26 18.44 10.67
C THR B 148 11.44 17.31 10.06
N VAL B 149 11.05 17.51 8.82
CA VAL B 149 10.28 16.50 8.07
C VAL B 149 11.00 15.15 8.11
N LEU B 150 12.28 15.13 7.76
CA LEU B 150 13.03 13.88 7.77
C LEU B 150 12.99 13.17 9.13
N ARG B 151 13.29 13.91 10.20
CA ARG B 151 13.26 13.32 11.54
C ARG B 151 11.84 12.89 11.91
N TYR B 152 10.85 13.65 11.45
CA TYR B 152 9.48 13.28 11.75
C TYR B 152 9.17 11.93 11.12
N LEU B 153 9.51 11.76 9.83
CA LEU B 153 9.26 10.48 9.17
C LEU B 153 10.06 9.36 9.82
N ASN B 154 11.28 9.67 10.24
CA ASN B 154 12.13 8.66 10.86
C ASN B 154 11.52 8.11 12.13
N ARG B 155 10.97 9.01 12.95
CA ARG B 155 10.31 8.63 14.19
C ARG B 155 8.95 7.99 13.89
N LEU B 156 8.27 8.49 12.86
CA LEU B 156 6.95 8.00 12.53
C LEU B 156 6.83 6.49 12.30
N SER B 157 7.78 5.90 11.59
CA SER B 157 7.70 4.48 11.35
C SER B 157 7.77 3.71 12.68
N ASP B 158 8.72 4.07 13.55
CA ASP B 158 8.82 3.39 14.86
C ASP B 158 7.53 3.60 15.66
N TYR B 159 6.87 4.74 15.45
CA TYR B 159 5.64 4.99 16.18
C TYR B 159 4.61 3.96 15.77
N PHE B 160 4.52 3.70 14.47
CA PHE B 160 3.57 2.70 13.95
C PHE B 160 3.91 1.29 14.47
N PHE B 161 5.20 1.02 14.66
CA PHE B 161 5.62 -0.26 15.20
C PHE B 161 5.08 -0.32 16.62
N ALA B 162 5.40 0.69 17.43
CA ALA B 162 4.93 0.75 18.79
C ALA B 162 3.40 0.62 18.80
N GLY B 163 2.73 1.43 17.99
CA GLY B 163 1.27 1.38 17.94
C GLY B 163 0.70 0.01 17.61
N ALA B 164 1.18 -0.61 16.53
CA ALA B 164 0.67 -1.91 16.11
C ALA B 164 0.79 -2.96 17.22
N ARG B 165 1.88 -2.91 17.97
CA ARG B 165 2.08 -3.86 19.05
C ARG B 165 1.06 -3.61 20.15
N VAL B 166 0.80 -2.34 20.41
CA VAL B 166 -0.19 -2.00 21.42
C VAL B 166 -1.55 -2.46 20.90
N VAL B 167 -1.83 -2.20 19.63
CA VAL B 167 -3.11 -2.61 19.07
C VAL B 167 -3.33 -4.11 19.15
N ASN B 168 -2.28 -4.91 19.01
CA ASN B 168 -2.49 -6.35 19.10
C ASN B 168 -2.78 -6.73 20.54
N ALA B 169 -1.93 -6.30 21.47
CA ALA B 169 -2.12 -6.61 22.88
C ALA B 169 -3.53 -6.23 23.35
N ARG B 170 -3.95 -5.01 23.06
CA ARG B 170 -5.26 -4.55 23.47
C ARG B 170 -6.39 -5.34 22.84
N SER B 171 -6.06 -6.05 21.76
CA SER B 171 -7.04 -6.88 21.05
C SER B 171 -6.94 -8.31 21.55
N GLY B 172 -6.01 -8.56 22.47
CA GLY B 172 -5.85 -9.91 23.01
C GLY B 172 -5.08 -10.86 22.09
N ILE B 173 -4.55 -10.32 21.00
CA ILE B 173 -3.79 -11.09 20.01
C ILE B 173 -2.28 -10.84 20.13
N GLY B 174 -1.51 -11.88 20.42
CA GLY B 174 -0.07 -11.71 20.52
C GLY B 174 0.54 -11.20 19.23
N ASP B 175 1.76 -10.68 19.29
CA ASP B 175 2.42 -10.20 18.08
C ASP B 175 2.90 -11.42 17.30
N VAL B 176 3.09 -11.27 15.99
CA VAL B 176 3.61 -12.40 15.24
C VAL B 176 5.13 -12.32 15.45
N GLU B 177 5.74 -13.44 15.81
CA GLU B 177 7.18 -13.47 16.08
C GLU B 177 7.96 -14.36 15.13
N TYR B 178 9.22 -13.99 14.92
CA TYR B 178 10.10 -14.76 14.06
C TYR B 178 10.78 -15.84 14.91
N GLU B 179 10.53 -17.10 14.56
CA GLU B 179 11.11 -18.24 15.28
C GLU B 179 11.81 -19.21 14.34
N ARG B 180 13.14 -19.18 14.31
CA ARG B 180 13.92 -20.06 13.45
C ARG B 180 15.38 -20.24 13.91
N LYS C 22 16.68 2.68 -19.07
CA LYS C 22 16.16 2.87 -20.47
C LYS C 22 15.11 1.81 -20.81
N ASP C 23 15.26 0.64 -20.21
CA ASP C 23 14.34 -0.48 -20.43
C ASP C 23 13.66 -0.84 -19.12
N SER C 24 14.33 -0.50 -18.03
CA SER C 24 13.81 -0.76 -16.69
C SER C 24 12.62 0.15 -16.41
N LEU C 25 12.64 1.34 -17.02
CA LEU C 25 11.57 2.31 -16.82
C LEU C 25 10.24 1.81 -17.36
N ARG C 26 10.31 0.93 -18.35
CA ARG C 26 9.12 0.37 -18.97
C ARG C 26 8.47 -0.72 -18.10
N VAL C 27 9.31 -1.59 -17.52
CA VAL C 27 8.81 -2.67 -16.66
C VAL C 27 8.27 -2.09 -15.36
N GLU C 28 8.94 -1.06 -14.84
CA GLU C 28 8.51 -0.42 -13.61
C GLU C 28 7.12 0.15 -13.84
N SER C 29 6.90 0.69 -15.04
CA SER C 29 5.60 1.27 -15.36
C SER C 29 4.51 0.22 -15.46
N TYR C 30 4.87 -0.97 -15.89
CA TYR C 30 3.90 -2.05 -16.02
C TYR C 30 3.54 -2.61 -14.65
N GLY C 31 4.55 -2.82 -13.82
CA GLY C 31 4.34 -3.34 -12.49
C GLY C 31 3.51 -2.39 -11.65
N THR C 32 3.88 -1.12 -11.69
CA THR C 32 3.16 -0.11 -10.91
C THR C 32 1.69 -0.04 -11.35
N ILE C 33 1.45 -0.19 -12.65
CA ILE C 33 0.08 -0.16 -13.15
C ILE C 33 -0.63 -1.43 -12.69
N ASP C 34 0.11 -2.53 -12.64
CA ASP C 34 -0.42 -3.80 -12.18
C ASP C 34 -0.76 -3.63 -10.70
N GLU C 35 0.21 -3.14 -9.93
CA GLU C 35 0.02 -2.92 -8.50
C GLU C 35 -1.23 -2.03 -8.31
N LEU C 36 -1.32 -0.97 -9.10
CA LEU C 36 -2.46 -0.06 -9.04
C LEU C 36 -3.78 -0.74 -9.36
N ASN C 37 -3.71 -1.74 -10.23
CA ASN C 37 -4.89 -2.46 -10.63
C ASN C 37 -5.34 -3.40 -9.52
N SER C 38 -4.37 -3.90 -8.76
CA SER C 38 -4.65 -4.81 -7.66
C SER C 38 -5.37 -4.10 -6.52
N PHE C 39 -4.93 -2.89 -6.21
CA PHE C 39 -5.59 -2.17 -5.12
C PHE C 39 -7.00 -1.83 -5.55
N ILE C 40 -7.18 -1.60 -6.84
CA ILE C 40 -8.51 -1.29 -7.36
C ILE C 40 -9.43 -2.50 -7.20
N GLY C 41 -8.90 -3.69 -7.41
CA GLY C 41 -9.72 -4.88 -7.24
C GLY C 41 -10.17 -5.01 -5.79
N LEU C 42 -9.30 -4.62 -4.85
CA LEU C 42 -9.59 -4.69 -3.43
C LEU C 42 -10.67 -3.66 -3.08
N ALA C 43 -10.56 -2.50 -3.71
CA ALA C 43 -11.51 -1.44 -3.46
C ALA C 43 -12.87 -1.94 -3.93
N LEU C 44 -12.88 -2.57 -5.10
CA LEU C 44 -14.08 -3.11 -5.70
C LEU C 44 -14.69 -4.22 -4.83
N ALA C 45 -13.82 -5.04 -4.24
CA ALA C 45 -14.27 -6.14 -3.39
C ALA C 45 -15.01 -5.65 -2.15
N GLU C 46 -14.52 -4.56 -1.59
CA GLU C 46 -15.11 -3.95 -0.40
C GLU C 46 -16.33 -3.13 -0.77
N LEU C 47 -16.22 -2.41 -1.87
CA LEU C 47 -17.29 -1.55 -2.35
C LEU C 47 -18.51 -2.34 -2.79
N SER C 48 -18.29 -3.38 -3.59
CA SER C 48 -19.40 -4.19 -4.07
C SER C 48 -20.15 -4.83 -2.90
N GLY C 49 -19.45 -5.03 -1.79
CA GLY C 49 -20.07 -5.63 -0.63
C GLY C 49 -21.24 -4.83 -0.08
N GLN C 50 -21.28 -3.55 -0.42
CA GLN C 50 -22.35 -2.65 0.04
C GLN C 50 -23.20 -2.13 -1.12
N PRO C 51 -24.54 -2.09 -0.93
CA PRO C 51 -25.46 -1.60 -1.97
C PRO C 51 -25.48 -0.08 -2.06
N GLY C 52 -25.86 0.43 -3.24
CA GLY C 52 -25.91 1.87 -3.44
C GLY C 52 -24.73 2.39 -4.23
N PHE C 53 -23.80 1.50 -4.54
CA PHE C 53 -22.61 1.86 -5.29
C PHE C 53 -22.49 0.98 -6.53
N GLU C 54 -23.63 0.54 -7.05
CA GLU C 54 -23.63 -0.31 -8.24
C GLU C 54 -23.00 0.41 -9.43
N ASP C 55 -23.09 1.73 -9.46
CA ASP C 55 -22.50 2.49 -10.55
C ASP C 55 -20.98 2.38 -10.53
N LEU C 56 -20.39 2.64 -9.37
CA LEU C 56 -18.95 2.56 -9.19
C LEU C 56 -18.44 1.15 -9.45
N THR C 57 -19.16 0.17 -8.90
CA THR C 57 -18.79 -1.22 -9.07
C THR C 57 -18.55 -1.56 -10.54
N ALA C 58 -19.42 -1.03 -11.41
CA ALA C 58 -19.30 -1.28 -12.84
C ALA C 58 -18.17 -0.44 -13.45
N GLU C 59 -18.05 0.80 -12.98
CA GLU C 59 -17.02 1.71 -13.48
C GLU C 59 -15.62 1.18 -13.14
N LEU C 60 -15.37 0.90 -11.87
CA LEU C 60 -14.07 0.41 -11.45
C LEU C 60 -13.67 -0.78 -12.30
N LEU C 61 -14.64 -1.60 -12.68
CA LEU C 61 -14.36 -2.77 -13.50
C LEU C 61 -13.72 -2.39 -14.83
N THR C 62 -14.42 -1.57 -15.61
CA THR C 62 -13.89 -1.15 -16.90
C THR C 62 -12.54 -0.49 -16.71
N ILE C 63 -12.34 0.14 -15.57
CA ILE C 63 -11.07 0.79 -15.28
C ILE C 63 -9.97 -0.26 -15.24
N GLN C 64 -10.20 -1.37 -14.54
CA GLN C 64 -9.18 -2.41 -14.47
C GLN C 64 -8.89 -2.97 -15.86
N HIS C 65 -9.91 -3.05 -16.71
CA HIS C 65 -9.72 -3.57 -18.06
C HIS C 65 -8.86 -2.60 -18.86
N GLU C 66 -9.19 -1.32 -18.81
CA GLU C 66 -8.45 -0.29 -19.52
C GLU C 66 -7.02 -0.19 -19.00
N LEU C 67 -6.86 -0.33 -17.69
CA LEU C 67 -5.52 -0.26 -17.10
C LEU C 67 -4.74 -1.49 -17.51
N PHE C 68 -5.45 -2.56 -17.86
CA PHE C 68 -4.80 -3.79 -18.30
C PHE C 68 -4.23 -3.52 -19.69
N ASP C 69 -4.94 -2.68 -20.44
CA ASP C 69 -4.55 -2.30 -21.80
C ASP C 69 -3.34 -1.37 -21.76
N CYS C 70 -3.36 -0.45 -20.80
CA CYS C 70 -2.27 0.51 -20.63
C CYS C 70 -0.94 -0.23 -20.59
N GLY C 71 -0.88 -1.29 -19.80
CA GLY C 71 0.34 -2.07 -19.71
C GLY C 71 0.75 -2.60 -21.06
N GLY C 72 -0.19 -3.18 -21.78
CA GLY C 72 0.10 -3.71 -23.11
C GLY C 72 0.58 -2.62 -24.06
N ASP C 73 -0.03 -1.44 -23.97
CA ASP C 73 0.34 -0.31 -24.82
C ASP C 73 1.80 0.07 -24.61
N LEU C 74 2.36 -0.35 -23.48
CA LEU C 74 3.74 -0.06 -23.15
C LEU C 74 4.60 -1.31 -23.28
N ALA C 75 4.20 -2.21 -24.18
CA ALA C 75 4.93 -3.45 -24.40
C ALA C 75 4.53 -4.08 -25.72
N TYR C 83 -1.85 -0.64 -29.60
CA TYR C 83 -2.54 0.21 -28.63
C TYR C 83 -4.02 -0.12 -28.58
N LYS C 84 -4.50 -0.51 -27.40
CA LYS C 84 -5.90 -0.86 -27.21
C LYS C 84 -6.68 0.27 -26.54
N LEU C 85 -6.02 0.96 -25.62
CA LEU C 85 -6.66 2.07 -24.92
C LEU C 85 -6.85 3.23 -25.86
N THR C 86 -8.05 3.80 -25.89
CA THR C 86 -8.33 4.93 -26.77
C THR C 86 -8.53 6.19 -25.94
N GLU C 87 -8.61 7.32 -26.63
CA GLU C 87 -8.83 8.61 -25.97
C GLU C 87 -10.27 8.70 -25.47
N GLU C 88 -11.09 7.74 -25.90
CA GLU C 88 -12.50 7.69 -25.51
C GLU C 88 -12.65 7.40 -24.02
N SER C 89 -11.77 6.54 -23.51
CA SER C 89 -11.79 6.13 -22.11
C SER C 89 -11.42 7.31 -21.21
N VAL C 90 -10.54 8.17 -21.73
CA VAL C 90 -10.08 9.34 -21.00
C VAL C 90 -11.23 10.31 -20.77
N SER C 91 -12.04 10.52 -21.80
CA SER C 91 -13.18 11.43 -21.70
C SER C 91 -14.24 10.85 -20.77
N PHE C 92 -14.23 9.53 -20.63
CA PHE C 92 -15.19 8.84 -19.77
C PHE C 92 -15.01 9.31 -18.32
N LEU C 93 -13.76 9.34 -17.86
CA LEU C 93 -13.45 9.76 -16.51
C LEU C 93 -13.89 11.21 -16.33
N GLU C 94 -13.64 12.03 -17.35
CA GLU C 94 -14.01 13.44 -17.34
C GLU C 94 -15.43 13.62 -16.84
N THR C 95 -16.38 13.02 -17.55
CA THR C 95 -17.79 13.12 -17.19
C THR C 95 -18.04 12.61 -15.78
N ARG C 96 -17.49 11.44 -15.46
CA ARG C 96 -17.67 10.84 -14.15
C ARG C 96 -17.18 11.75 -13.05
N ILE C 97 -16.04 12.40 -13.28
CA ILE C 97 -15.46 13.30 -12.29
C ILE C 97 -16.42 14.42 -11.95
N ASP C 98 -16.76 15.23 -12.95
CA ASP C 98 -17.66 16.36 -12.76
C ASP C 98 -19.00 15.90 -12.15
N ALA C 99 -19.49 14.76 -12.61
CA ALA C 99 -20.75 14.22 -12.11
C ALA C 99 -20.65 14.01 -10.60
N TYR C 100 -19.65 13.24 -10.19
CA TYR C 100 -19.45 12.98 -8.77
C TYR C 100 -19.14 14.26 -8.01
N THR C 101 -18.42 15.18 -8.66
CA THR C 101 -18.08 16.46 -8.05
C THR C 101 -19.34 17.23 -7.71
N ALA C 102 -20.24 17.32 -8.69
CA ALA C 102 -21.50 18.02 -8.53
C ALA C 102 -22.32 17.30 -7.47
N GLU C 103 -22.38 15.97 -7.57
CA GLU C 103 -23.13 15.16 -6.63
C GLU C 103 -22.63 15.37 -5.21
N ALA C 104 -21.32 15.27 -5.03
CA ALA C 104 -20.74 15.45 -3.70
C ALA C 104 -20.83 16.92 -3.31
N PRO C 105 -20.98 17.19 -2.00
CA PRO C 105 -21.07 18.59 -1.55
C PRO C 105 -19.79 19.35 -1.86
N GLU C 106 -19.92 20.45 -2.60
CA GLU C 106 -18.76 21.27 -2.96
C GLU C 106 -17.88 21.54 -1.73
N LEU C 107 -16.65 21.06 -1.77
CA LEU C 107 -15.71 21.22 -0.67
C LEU C 107 -15.23 22.66 -0.57
N LYS C 108 -15.13 23.17 0.66
CA LYS C 108 -14.68 24.52 0.90
C LYS C 108 -13.43 24.50 1.76
N LYS C 109 -12.78 23.36 1.83
CA LYS C 109 -11.56 23.21 2.63
C LYS C 109 -10.73 22.00 2.18
N PHE C 110 -9.48 21.95 2.61
CA PHE C 110 -8.59 20.83 2.24
C PHE C 110 -9.01 19.54 2.91
N ILE C 111 -9.08 18.46 2.13
CA ILE C 111 -9.45 17.17 2.69
C ILE C 111 -8.27 16.21 2.70
N LEU C 112 -8.27 15.31 3.69
CA LEU C 112 -7.23 14.32 3.86
C LEU C 112 -7.78 12.95 3.47
N PRO C 113 -6.90 12.03 3.03
CA PRO C 113 -7.31 10.69 2.62
C PRO C 113 -8.05 9.99 3.76
N GLY C 114 -9.18 9.36 3.45
CA GLY C 114 -9.92 8.67 4.49
C GLY C 114 -11.43 8.78 4.43
N GLY C 115 -12.08 8.37 5.52
CA GLY C 115 -13.53 8.39 5.61
C GLY C 115 -14.01 6.99 5.87
N SER C 116 -14.89 6.49 5.01
CA SER C 116 -15.37 5.12 5.13
C SER C 116 -14.24 4.25 4.63
N LYS C 117 -14.31 2.95 4.89
CA LYS C 117 -13.26 2.04 4.43
C LYS C 117 -13.16 2.10 2.90
N CYS C 118 -14.30 2.28 2.24
CA CYS C 118 -14.32 2.35 0.79
C CYS C 118 -13.63 3.58 0.25
N ALA C 119 -13.90 4.72 0.89
CA ALA C 119 -13.29 5.98 0.46
C ALA C 119 -11.80 5.93 0.72
N SER C 120 -11.43 5.26 1.81
CA SER C 120 -10.03 5.09 2.19
C SER C 120 -9.28 4.29 1.13
N LEU C 121 -9.90 3.21 0.67
CA LEU C 121 -9.29 2.38 -0.35
C LEU C 121 -9.22 3.13 -1.66
N LEU C 122 -10.29 3.83 -2.02
CA LEU C 122 -10.32 4.59 -3.27
C LEU C 122 -9.31 5.74 -3.23
N HIS C 123 -9.07 6.26 -2.04
CA HIS C 123 -8.11 7.34 -1.88
C HIS C 123 -6.70 6.78 -2.02
N ILE C 124 -6.53 5.52 -1.60
CA ILE C 124 -5.24 4.85 -1.69
C ILE C 124 -4.96 4.62 -3.16
N ALA C 125 -5.97 4.14 -3.86
CA ALA C 125 -5.88 3.88 -5.29
C ALA C 125 -5.50 5.17 -6.00
N ARG C 126 -5.90 6.30 -5.43
CA ARG C 126 -5.58 7.60 -6.01
C ARG C 126 -4.09 7.91 -5.98
N THR C 127 -3.52 7.87 -4.79
CA THR C 127 -2.10 8.15 -4.59
C THR C 127 -1.24 7.18 -5.38
N ILE C 128 -1.73 5.97 -5.53
CA ILE C 128 -0.97 4.97 -6.26
C ILE C 128 -1.12 5.25 -7.76
N THR C 129 -2.30 5.72 -8.16
CA THR C 129 -2.49 6.06 -9.56
C THR C 129 -1.47 7.14 -9.92
N ARG C 130 -1.26 8.08 -9.01
CA ARG C 130 -0.29 9.14 -9.27
C ARG C 130 1.15 8.60 -9.25
N ARG C 131 1.37 7.51 -8.53
CA ARG C 131 2.70 6.93 -8.48
C ARG C 131 3.00 6.25 -9.82
N ALA C 132 1.97 5.68 -10.43
CA ALA C 132 2.08 5.02 -11.73
C ALA C 132 2.28 6.12 -12.76
N GLU C 133 1.68 7.26 -12.52
CA GLU C 133 1.80 8.39 -13.42
C GLU C 133 3.27 8.81 -13.51
N ARG C 134 3.92 8.96 -12.36
CA ARG C 134 5.32 9.36 -12.31
C ARG C 134 6.23 8.38 -13.04
N ARG C 135 5.89 7.10 -12.96
CA ARG C 135 6.66 6.06 -13.61
C ARG C 135 6.53 6.17 -15.12
N VAL C 136 5.31 6.43 -15.60
CA VAL C 136 5.11 6.56 -17.03
C VAL C 136 5.79 7.84 -17.50
N VAL C 137 5.69 8.90 -16.71
CA VAL C 137 6.32 10.17 -17.03
C VAL C 137 7.83 9.95 -17.18
N ALA C 138 8.37 9.07 -16.35
CA ALA C 138 9.79 8.76 -16.41
C ALA C 138 10.07 7.99 -17.70
N LEU C 139 9.10 7.18 -18.13
CA LEU C 139 9.24 6.41 -19.35
C LEU C 139 9.33 7.36 -20.54
N LYS C 141 10.87 10.39 -20.78
CA LYS C 141 12.24 10.83 -20.97
C LYS C 141 13.06 9.86 -21.81
N SER C 142 13.13 8.60 -21.36
CA SER C 142 13.90 7.58 -22.07
C SER C 142 13.43 7.38 -23.50
N GLU C 143 12.12 7.30 -23.71
CA GLU C 143 11.57 7.08 -25.05
C GLU C 143 10.07 7.35 -25.05
N GLU C 144 9.61 8.17 -25.99
CA GLU C 144 8.20 8.50 -26.10
C GLU C 144 7.36 7.24 -26.37
N ILE C 145 6.19 7.19 -25.76
CA ILE C 145 5.28 6.04 -25.92
C ILE C 145 3.85 6.57 -26.10
N HIS C 146 2.88 5.65 -26.19
CA HIS C 146 1.49 6.03 -26.35
C HIS C 146 1.12 7.14 -25.37
N GLU C 147 0.99 8.37 -25.87
CA GLU C 147 0.66 9.50 -25.01
C GLU C 147 -0.76 9.43 -24.47
N THR C 148 -1.40 8.28 -24.60
CA THR C 148 -2.77 8.14 -24.12
C THR C 148 -2.81 7.61 -22.69
N VAL C 149 -1.89 6.69 -22.37
CA VAL C 149 -1.84 6.13 -21.02
C VAL C 149 -1.72 7.23 -19.97
N LEU C 150 -0.83 8.19 -20.20
CA LEU C 150 -0.64 9.27 -19.24
C LEU C 150 -1.94 10.03 -19.00
N ARG C 151 -2.59 10.40 -20.10
CA ARG C 151 -3.83 11.15 -20.06
C ARG C 151 -4.83 10.45 -19.15
N TYR C 152 -4.96 9.14 -19.33
CA TYR C 152 -5.87 8.33 -18.54
C TYR C 152 -5.47 8.36 -17.06
N LEU C 153 -4.25 7.89 -16.77
CA LEU C 153 -3.76 7.87 -15.40
C LEU C 153 -3.91 9.23 -14.74
N ASN C 154 -3.61 10.28 -15.50
CA ASN C 154 -3.72 11.64 -14.98
C ASN C 154 -5.15 11.97 -14.52
N ARG C 155 -6.14 11.49 -15.27
CA ARG C 155 -7.54 11.74 -14.94
C ARG C 155 -8.07 10.72 -13.92
N LEU C 156 -7.54 9.51 -13.99
CA LEU C 156 -7.93 8.43 -13.08
C LEU C 156 -7.69 8.84 -11.64
N SER C 157 -6.58 9.53 -11.39
CA SER C 157 -6.25 9.98 -10.05
C SER C 157 -7.32 10.96 -9.56
N ASP C 158 -7.76 11.83 -10.45
CA ASP C 158 -8.80 12.80 -10.12
C ASP C 158 -10.12 12.08 -9.90
N TYR C 159 -10.37 11.07 -10.72
CA TYR C 159 -11.58 10.27 -10.62
C TYR C 159 -11.73 9.68 -9.22
N PHE C 160 -10.70 9.00 -8.75
CA PHE C 160 -10.72 8.38 -7.43
C PHE C 160 -10.96 9.39 -6.34
N PHE C 161 -10.41 10.58 -6.51
CA PHE C 161 -10.59 11.62 -5.51
C PHE C 161 -12.08 11.91 -5.38
N ALA C 162 -12.73 12.18 -6.50
CA ALA C 162 -14.16 12.48 -6.53
C ALA C 162 -14.96 11.25 -6.11
N GLY C 163 -14.53 10.09 -6.60
CA GLY C 163 -15.20 8.85 -6.28
C GLY C 163 -15.22 8.63 -4.78
N ALA C 164 -14.10 8.89 -4.12
CA ALA C 164 -13.99 8.70 -2.69
C ALA C 164 -14.97 9.60 -1.94
N ARG C 165 -15.13 10.82 -2.44
CA ARG C 165 -16.04 11.80 -1.83
C ARG C 165 -17.49 11.35 -1.92
N VAL C 166 -17.93 11.05 -3.14
CA VAL C 166 -19.31 10.62 -3.35
C VAL C 166 -19.61 9.35 -2.56
N VAL C 167 -18.58 8.57 -2.24
CA VAL C 167 -18.79 7.36 -1.47
C VAL C 167 -19.02 7.73 -0.02
N ASN C 168 -18.26 8.71 0.47
CA ASN C 168 -18.40 9.17 1.84
C ASN C 168 -19.70 9.94 2.05
N ALA C 169 -20.21 10.52 0.98
CA ALA C 169 -21.46 11.28 1.02
C ALA C 169 -22.66 10.34 1.12
N ARG C 170 -22.67 9.34 0.24
CA ARG C 170 -23.75 8.35 0.21
C ARG C 170 -23.81 7.55 1.50
N SER C 171 -22.70 7.54 2.24
CA SER C 171 -22.63 6.80 3.50
C SER C 171 -22.86 7.73 4.67
N GLY C 172 -22.94 9.02 4.39
CA GLY C 172 -23.16 10.00 5.44
C GLY C 172 -22.01 10.01 6.45
N ILE C 173 -20.79 9.87 5.95
CA ILE C 173 -19.62 9.89 6.81
C ILE C 173 -18.90 11.23 6.70
N GLY C 174 -18.87 11.78 5.49
CA GLY C 174 -18.21 13.05 5.29
C GLY C 174 -16.70 12.92 5.23
N ASP C 175 -16.12 13.42 4.14
CA ASP C 175 -14.68 13.36 3.95
C ASP C 175 -13.93 13.91 5.14
N VAL C 176 -12.71 13.43 5.33
CA VAL C 176 -11.90 13.92 6.44
C VAL C 176 -11.39 15.26 5.96
N GLU C 177 -11.47 16.26 6.84
CA GLU C 177 -11.01 17.60 6.49
C GLU C 177 -9.77 18.01 7.26
N TYR C 178 -8.93 18.81 6.62
CA TYR C 178 -7.71 19.31 7.23
C TYR C 178 -8.11 20.44 8.18
N GLU C 179 -8.40 20.08 9.43
CA GLU C 179 -8.80 21.04 10.44
C GLU C 179 -8.22 20.60 11.78
N ARG C 180 -7.08 21.16 12.15
CA ARG C 180 -6.40 20.79 13.38
C ARG C 180 -7.24 21.02 14.63
N SER C 181 -7.85 22.22 14.70
CA SER C 181 -8.67 22.60 15.85
C SER C 181 -9.83 21.66 16.14
N ALA C 182 -10.30 20.95 15.12
CA ALA C 182 -11.40 20.02 15.29
C ALA C 182 -10.95 18.71 15.91
N ILE C 183 -9.65 18.56 16.15
CA ILE C 183 -9.14 17.32 16.73
C ILE C 183 -9.38 17.17 18.23
N VAL C 184 -9.14 18.23 19.02
CA VAL C 184 -9.35 18.19 20.47
C VAL C 184 -10.76 17.71 20.84
N PHE C 185 -11.71 17.93 19.93
CA PHE C 185 -13.10 17.52 20.11
C PHE C 185 -13.35 16.01 19.98
N ARG C 186 -12.31 15.27 19.61
CA ARG C 186 -12.40 13.81 19.43
C ARG C 186 -12.37 13.08 20.77
N ASP C 187 -13.18 12.03 20.90
CA ASP C 187 -13.20 11.27 22.15
C ASP C 187 -11.81 10.78 22.55
N ARG C 188 -11.47 10.96 23.82
CA ARG C 188 -10.17 10.55 24.33
C ARG C 188 -10.34 9.66 25.55
N ASN C 189 -11.31 8.75 25.52
CA ASN C 189 -11.53 7.88 26.67
C ASN C 189 -10.21 7.25 27.04
N SER C 190 -9.54 6.68 26.06
CA SER C 190 -8.25 6.02 26.24
C SER C 190 -7.75 5.46 24.92
#